data_8FP5
#
_entry.id   8FP5
#
_cell.length_a   53.670
_cell.length_b   71.710
_cell.length_c   72.040
_cell.angle_alpha   90.00
_cell.angle_beta   90.00
_cell.angle_gamma   90.00
#
_symmetry.space_group_name_H-M   'P 21 21 21'
#
loop_
_entity.id
_entity.type
_entity.pdbx_description
1 polymer 'Cyclin-dependent kinase 2'
2 non-polymer 1,2-ETHANEDIOL
3 non-polymer "ADENOSINE-5'-TRIPHOSPHATE"
4 non-polymer 'MAGNESIUM ION'
5 water water
#
_entity_poly.entity_id   1
_entity_poly.type   'polypeptide(L)'
_entity_poly.pdbx_seq_one_letter_code
;MENFQKVEKIGEGTYGVVYKARNKLTGEVVALKKIRLDTETEGVPSTAIREISLLKELNHPNIVKLLDVIHTENKLYLVF
EFLHQDLKKFMDASALTGIPLPLIKSYLFQLLQGLAFCHSHRVLHRDLKPQNLLINTEGAIKLADFGLARAFGVPVRTYT
HEVVTLWYRAPEILLGCKYYSTAVDIWSLGCIFAEMVTRRALFPGDSEIDQLFRIFRTLGTPDEVVWPGVTSMPDYKPSF
PKWARQDFSKVVPPLDEDGRSLLSQMLHYDPNKRISAKAALAHPFFQDVTKPVPHLRL
;
_entity_poly.pdbx_strand_id   A
#
loop_
_chem_comp.id
_chem_comp.type
_chem_comp.name
_chem_comp.formula
ATP non-polymer ADENOSINE-5'-TRIPHOSPHATE 'C10 H16 N5 O13 P3'
EDO non-polymer 1,2-ETHANEDIOL 'C2 H6 O2'
MG non-polymer 'MAGNESIUM ION' 'Mg 2'
#
# COMPACT_ATOMS: atom_id res chain seq x y z
N GLU A 2 -21.44 10.36 -23.24
CA GLU A 2 -20.16 9.88 -23.76
C GLU A 2 -20.24 8.40 -24.05
N ASN A 3 -19.12 7.70 -23.81
CA ASN A 3 -19.08 6.27 -24.02
C ASN A 3 -19.51 5.48 -22.78
N PHE A 4 -19.64 6.15 -21.64
CA PHE A 4 -19.87 5.49 -20.36
C PHE A 4 -21.14 6.00 -19.70
N GLN A 5 -21.83 5.10 -19.02
CA GLN A 5 -22.95 5.43 -18.15
C GLN A 5 -22.47 5.43 -16.71
N LYS A 6 -22.51 6.59 -16.06
CA LYS A 6 -22.13 6.67 -14.65
C LYS A 6 -23.14 5.92 -13.80
N VAL A 7 -22.67 4.93 -13.05
CA VAL A 7 -23.53 4.20 -12.11
C VAL A 7 -23.55 4.88 -10.75
N GLU A 8 -22.39 5.24 -10.25
CA GLU A 8 -22.28 5.94 -8.96
C GLU A 8 -20.87 6.50 -8.87
N LYS A 9 -20.68 7.30 -7.82
CA LYS A 9 -19.41 7.90 -7.48
C LYS A 9 -18.80 7.05 -6.38
N ILE A 10 -17.78 6.26 -6.72
CA ILE A 10 -17.23 5.37 -5.72
C ILE A 10 -16.51 6.16 -4.62
N GLY A 11 -15.78 7.20 -5.00
CA GLY A 11 -14.99 7.91 -4.01
C GLY A 11 -14.16 9.00 -4.65
N GLU A 12 -13.38 9.65 -3.79
CA GLU A 12 -12.48 10.72 -4.19
C GLU A 12 -11.15 10.49 -3.49
N GLY A 13 -10.07 10.86 -4.16
CA GLY A 13 -8.76 10.57 -3.60
C GLY A 13 -7.72 11.66 -3.75
N THR A 14 -6.46 11.26 -3.88
CA THR A 14 -5.38 12.23 -4.01
C THR A 14 -5.45 12.97 -5.33
N TYR A 15 -5.69 12.26 -6.43
CA TYR A 15 -5.64 12.86 -7.76
C TYR A 15 -6.99 13.14 -8.37
N GLY A 16 -8.03 12.38 -8.04
CA GLY A 16 -9.29 12.66 -8.67
C GLY A 16 -10.42 11.84 -8.11
N VAL A 17 -11.47 11.70 -8.90
CA VAL A 17 -12.72 11.07 -8.49
C VAL A 17 -12.90 9.78 -9.27
N VAL A 18 -13.33 8.73 -8.58
CA VAL A 18 -13.56 7.43 -9.21
C VAL A 18 -15.06 7.22 -9.36
N TYR A 19 -15.48 6.87 -10.57
CA TYR A 19 -16.84 6.50 -10.89
C TYR A 19 -16.92 5.02 -11.24
N LYS A 20 -18.00 4.35 -10.85
CA LYS A 20 -18.36 3.07 -11.46
C LYS A 20 -19.16 3.38 -12.72
N ALA A 21 -18.81 2.73 -13.83
CA ALA A 21 -19.40 3.10 -15.11
C ALA A 21 -19.58 1.86 -15.98
N ARG A 22 -20.50 1.97 -16.92
CA ARG A 22 -20.70 0.90 -17.90
C ARG A 22 -20.29 1.40 -19.28
N ASN A 23 -19.51 0.59 -19.98
CA ASN A 23 -19.20 0.86 -21.38
C ASN A 23 -20.44 0.58 -22.23
N LYS A 24 -21.00 1.63 -22.83
CA LYS A 24 -22.26 1.50 -23.57
C LYS A 24 -22.12 0.57 -24.76
N LEU A 25 -20.90 0.35 -25.24
CA LEU A 25 -20.67 -0.46 -26.43
C LEU A 25 -20.40 -1.92 -26.09
N THR A 26 -19.62 -2.15 -25.02
CA THR A 26 -19.26 -3.49 -24.56
C THR A 26 -20.17 -4.04 -23.49
N GLY A 27 -20.84 -3.19 -22.72
CA GLY A 27 -21.49 -3.63 -21.50
C GLY A 27 -20.55 -3.87 -20.35
N GLU A 28 -19.24 -3.75 -20.58
CA GLU A 28 -18.26 -3.88 -19.52
C GLU A 28 -18.48 -2.88 -18.40
N VAL A 29 -18.46 -3.35 -17.17
CA VAL A 29 -18.55 -2.50 -15.99
C VAL A 29 -17.13 -2.25 -15.52
N VAL A 30 -16.74 -0.97 -15.42
CA VAL A 30 -15.38 -0.56 -15.12
C VAL A 30 -15.38 0.52 -14.02
N ALA A 31 -14.18 0.84 -13.53
CA ALA A 31 -13.97 1.99 -12.68
C ALA A 31 -13.29 3.06 -13.53
N LEU A 32 -13.84 4.27 -13.50
CA LEU A 32 -13.35 5.40 -14.30
C LEU A 32 -12.79 6.44 -13.32
N LYS A 33 -11.48 6.69 -13.38
CA LYS A 33 -10.88 7.73 -12.55
C LYS A 33 -10.59 8.97 -13.39
N LYS A 34 -11.20 10.10 -13.02
CA LYS A 34 -11.02 11.40 -13.68
C LYS A 34 -9.95 12.17 -12.90
N ILE A 35 -8.81 12.44 -13.53
CA ILE A 35 -7.67 13.03 -12.83
C ILE A 35 -7.61 14.53 -13.08
N ARG A 36 -7.12 15.25 -12.06
CA ARG A 36 -7.30 16.68 -11.77
C ARG A 36 -8.46 16.72 -10.84
N SER A 46 2.96 15.23 -22.07
CA SER A 46 3.58 15.22 -20.75
C SER A 46 4.33 13.92 -20.50
N THR A 47 5.41 14.06 -19.73
CA THR A 47 6.13 12.89 -19.20
C THR A 47 5.15 11.88 -18.56
N ALA A 48 4.13 12.38 -17.87
CA ALA A 48 3.17 11.51 -17.19
C ALA A 48 2.41 10.63 -18.17
N ILE A 49 2.13 11.13 -19.38
CA ILE A 49 1.30 10.39 -20.32
C ILE A 49 1.98 9.08 -20.69
N ARG A 50 3.25 9.16 -21.09
CA ARG A 50 3.95 7.97 -21.53
C ARG A 50 4.11 6.97 -20.40
N GLU A 51 4.36 7.47 -19.18
CA GLU A 51 4.62 6.55 -18.08
C GLU A 51 3.34 5.89 -17.58
N ILE A 52 2.23 6.64 -17.53
CA ILE A 52 0.94 6.00 -17.28
C ILE A 52 0.62 4.99 -18.37
N SER A 53 0.77 5.40 -19.62
CA SER A 53 0.42 4.50 -20.72
C SER A 53 1.24 3.23 -20.67
N LEU A 54 2.47 3.33 -20.19
CA LEU A 54 3.33 2.15 -20.04
C LEU A 54 2.74 1.15 -19.05
N LEU A 55 1.98 1.62 -18.06
CA LEU A 55 1.40 0.71 -17.08
C LEU A 55 0.36 -0.23 -17.68
N LYS A 56 -0.16 0.08 -18.88
CA LYS A 56 -1.08 -0.82 -19.56
C LYS A 56 -0.47 -2.18 -19.83
N GLU A 57 0.86 -2.28 -19.82
CA GLU A 57 1.57 -3.52 -20.08
C GLU A 57 1.88 -4.30 -18.82
N LEU A 58 1.68 -3.69 -17.66
CA LEU A 58 2.03 -4.25 -16.35
C LEU A 58 0.88 -5.08 -15.79
N ASN A 59 0.70 -6.28 -16.36
CA ASN A 59 -0.47 -7.11 -16.10
C ASN A 59 -0.12 -8.30 -15.22
N HIS A 60 -0.89 -8.49 -14.14
CA HIS A 60 -0.68 -9.59 -13.21
C HIS A 60 -1.98 -9.81 -12.46
N PRO A 61 -2.28 -11.05 -12.05
CA PRO A 61 -3.58 -11.30 -11.43
C PRO A 61 -3.78 -10.55 -10.12
N ASN A 62 -2.70 -10.10 -9.46
CA ASN A 62 -2.87 -9.33 -8.23
C ASN A 62 -2.57 -7.84 -8.43
N ILE A 63 -2.73 -7.34 -9.65
CA ILE A 63 -2.64 -5.91 -9.98
C ILE A 63 -3.94 -5.58 -10.69
N VAL A 64 -4.67 -4.57 -10.17
CA VAL A 64 -5.87 -4.10 -10.85
C VAL A 64 -5.52 -3.72 -12.28
N LYS A 65 -6.25 -4.25 -13.25
CA LYS A 65 -5.80 -4.08 -14.63
C LYS A 65 -6.13 -2.66 -15.11
N LEU A 66 -5.15 -2.00 -15.69
CA LEU A 66 -5.37 -0.68 -16.29
C LEU A 66 -5.78 -0.94 -17.73
N LEU A 67 -7.07 -0.70 -18.04
CA LEU A 67 -7.62 -1.04 -19.35
C LEU A 67 -7.24 0.00 -20.40
N ASP A 68 -7.39 1.28 -20.10
CA ASP A 68 -7.17 2.28 -21.12
C ASP A 68 -6.79 3.58 -20.43
N VAL A 69 -6.08 4.41 -21.17
CA VAL A 69 -5.75 5.77 -20.76
C VAL A 69 -6.29 6.69 -21.84
N ILE A 70 -7.01 7.73 -21.42
CA ILE A 70 -7.64 8.68 -22.33
C ILE A 70 -7.20 10.07 -21.96
N HIS A 71 -6.55 10.77 -22.89
CA HIS A 71 -6.10 12.15 -22.70
C HIS A 71 -6.92 13.02 -23.64
N THR A 72 -7.79 13.86 -23.09
CA THR A 72 -8.63 14.74 -23.89
C THR A 72 -8.93 16.00 -23.12
N GLU A 73 -8.95 17.13 -23.84
CA GLU A 73 -9.24 18.46 -23.31
C GLU A 73 -8.59 18.69 -21.95
N ASN A 74 -7.29 18.38 -21.89
CA ASN A 74 -6.46 18.62 -20.71
C ASN A 74 -6.96 17.87 -19.47
N LYS A 75 -7.83 16.88 -19.64
CA LYS A 75 -8.26 16.00 -18.57
C LYS A 75 -7.72 14.59 -18.86
N LEU A 76 -7.41 13.86 -17.80
CA LEU A 76 -6.85 12.52 -17.92
C LEU A 76 -7.81 11.53 -17.29
N TYR A 77 -8.18 10.49 -18.05
CA TYR A 77 -9.07 9.44 -17.54
C TYR A 77 -8.33 8.11 -17.54
N LEU A 78 -8.45 7.37 -16.45
CA LEU A 78 -7.90 6.02 -16.36
C LEU A 78 -9.09 5.08 -16.24
N VAL A 79 -9.16 4.10 -17.12
CA VAL A 79 -10.22 3.09 -17.08
C VAL A 79 -9.61 1.84 -16.47
N PHE A 80 -10.17 1.37 -15.35
CA PHE A 80 -9.64 0.25 -14.57
C PHE A 80 -10.67 -0.88 -14.50
N GLU A 81 -10.16 -2.11 -14.41
CA GLU A 81 -10.94 -3.23 -13.88
C GLU A 81 -11.69 -2.82 -12.61
N PHE A 82 -12.98 -3.18 -12.52
CA PHE A 82 -13.77 -2.87 -11.34
C PHE A 82 -13.76 -4.04 -10.36
N LEU A 83 -13.51 -3.74 -9.09
CA LEU A 83 -13.69 -4.71 -8.01
C LEU A 83 -14.68 -4.17 -7.00
N HIS A 84 -15.40 -5.05 -6.30
CA HIS A 84 -16.55 -4.56 -5.54
C HIS A 84 -16.23 -4.04 -4.13
N GLN A 85 -15.04 -4.25 -3.60
CA GLN A 85 -14.80 -3.71 -2.27
C GLN A 85 -13.30 -3.47 -2.05
N ASP A 86 -12.99 -2.51 -1.18
CA ASP A 86 -11.60 -2.27 -0.82
C ASP A 86 -11.33 -2.81 0.57
N LEU A 87 -10.03 -2.91 0.91
CA LEU A 87 -9.67 -3.57 2.15
C LEU A 87 -10.01 -2.72 3.37
N LYS A 88 -10.06 -1.41 3.22
CA LYS A 88 -10.45 -0.56 4.35
C LYS A 88 -11.91 -0.87 4.76
N LYS A 89 -12.81 -0.90 3.79
CA LYS A 89 -14.19 -1.26 4.07
C LYS A 89 -14.32 -2.67 4.64
N PHE A 90 -13.57 -3.63 4.07
CA PHE A 90 -13.60 -5.00 4.59
C PHE A 90 -13.09 -5.06 6.01
N MET A 91 -12.06 -4.29 6.30
CA MET A 91 -11.49 -4.29 7.65
C MET A 91 -12.45 -3.68 8.66
N ASP A 92 -13.08 -2.55 8.30
CA ASP A 92 -14.13 -2.00 9.15
C ASP A 92 -15.28 -2.99 9.33
N ALA A 93 -15.67 -3.69 8.26
CA ALA A 93 -16.77 -4.64 8.34
C ALA A 93 -16.44 -5.85 9.20
N SER A 94 -15.16 -6.15 9.37
CA SER A 94 -14.70 -7.34 10.07
C SER A 94 -14.20 -7.04 11.47
N ALA A 95 -14.50 -5.86 12.01
CA ALA A 95 -13.77 -5.41 13.19
C ALA A 95 -14.27 -6.09 14.47
N LEU A 96 -15.56 -6.46 14.53
CA LEU A 96 -16.06 -7.14 15.72
C LEU A 96 -15.34 -8.46 15.93
N THR A 97 -15.11 -9.21 14.86
CA THR A 97 -14.55 -10.55 14.94
C THR A 97 -13.09 -10.64 14.53
N GLY A 98 -12.62 -9.73 13.67
CA GLY A 98 -11.33 -9.84 13.03
C GLY A 98 -11.35 -10.68 11.76
N ILE A 99 -10.49 -10.34 10.82
CA ILE A 99 -10.26 -11.19 9.65
C ILE A 99 -9.58 -12.47 10.11
N PRO A 100 -10.10 -13.65 9.76
CA PRO A 100 -9.44 -14.89 10.18
C PRO A 100 -8.01 -14.95 9.67
N LEU A 101 -7.13 -15.52 10.48
CA LEU A 101 -5.73 -15.56 10.10
C LEU A 101 -5.47 -16.24 8.75
N PRO A 102 -6.15 -17.33 8.36
CA PRO A 102 -5.87 -17.90 7.04
C PRO A 102 -6.17 -16.91 5.92
N LEU A 103 -7.16 -16.03 6.09
CA LEU A 103 -7.44 -15.03 5.07
C LEU A 103 -6.41 -13.90 5.10
N ILE A 104 -6.00 -13.47 6.31
CA ILE A 104 -4.92 -12.50 6.40
C ILE A 104 -3.71 -13.03 5.66
N LYS A 105 -3.40 -14.31 5.88
CA LYS A 105 -2.19 -14.90 5.31
C LYS A 105 -2.31 -15.00 3.79
N SER A 106 -3.47 -15.43 3.29
CA SER A 106 -3.72 -15.46 1.84
C SER A 106 -3.59 -14.09 1.20
N TYR A 107 -4.21 -13.08 1.82
CA TYR A 107 -4.11 -11.73 1.29
C TYR A 107 -2.67 -11.25 1.27
N LEU A 108 -1.95 -11.42 2.38
CA LEU A 108 -0.55 -10.98 2.42
C LEU A 108 0.27 -11.68 1.34
N PHE A 109 0.07 -13.00 1.21
CA PHE A 109 0.79 -13.79 0.20
C PHE A 109 0.52 -13.27 -1.20
N GLN A 110 -0.75 -13.03 -1.54
CA GLN A 110 -1.08 -12.51 -2.89
C GLN A 110 -0.47 -11.13 -3.14
N LEU A 111 -0.51 -10.26 -2.13
CA LEU A 111 0.02 -8.91 -2.31
C LEU A 111 1.53 -8.95 -2.48
N LEU A 112 2.19 -9.86 -1.77
CA LEU A 112 3.62 -10.07 -1.99
C LEU A 112 3.91 -10.61 -3.39
N GLN A 113 3.03 -11.47 -3.93
CA GLN A 113 3.26 -11.88 -5.31
C GLN A 113 3.12 -10.70 -6.25
N GLY A 114 2.11 -9.87 -6.04
CA GLY A 114 1.96 -8.67 -6.87
C GLY A 114 3.18 -7.76 -6.82
N LEU A 115 3.65 -7.46 -5.61
CA LEU A 115 4.83 -6.59 -5.48
C LEU A 115 6.06 -7.24 -6.09
N ALA A 116 6.25 -8.54 -5.86
CA ALA A 116 7.38 -9.19 -6.50
C ALA A 116 7.35 -9.01 -8.01
N PHE A 117 6.16 -9.17 -8.62
CA PHE A 117 6.05 -8.94 -10.06
C PHE A 117 6.43 -7.51 -10.43
N CYS A 118 5.82 -6.53 -9.77
CA CYS A 118 6.06 -5.13 -10.15
C CYS A 118 7.52 -4.77 -9.93
N HIS A 119 8.06 -5.11 -8.76
CA HIS A 119 9.44 -4.79 -8.44
C HIS A 119 10.43 -5.43 -9.42
N SER A 120 10.13 -6.63 -9.91
CA SER A 120 11.02 -7.25 -10.89
C SER A 120 11.01 -6.48 -12.20
N HIS A 121 9.94 -5.75 -12.49
CA HIS A 121 9.89 -4.86 -13.64
C HIS A 121 10.26 -3.43 -13.31
N ARG A 122 10.83 -3.18 -12.13
CA ARG A 122 11.31 -1.86 -11.73
C ARG A 122 10.16 -0.85 -11.71
N VAL A 123 9.04 -1.25 -11.13
CA VAL A 123 7.91 -0.35 -10.92
C VAL A 123 7.58 -0.38 -9.42
N LEU A 124 7.56 0.80 -8.80
CA LEU A 124 7.24 1.04 -7.39
C LEU A 124 5.78 1.48 -7.28
N HIS A 125 5.14 1.13 -6.16
CA HIS A 125 3.83 1.75 -5.91
C HIS A 125 4.00 3.09 -5.22
N ARG A 126 4.65 3.10 -4.06
CA ARG A 126 5.06 4.24 -3.26
C ARG A 126 3.92 4.76 -2.38
N ASP A 127 2.67 4.34 -2.60
CA ASP A 127 1.59 4.83 -1.75
C ASP A 127 0.59 3.71 -1.45
N LEU A 128 1.08 2.56 -0.98
CA LEU A 128 0.18 1.49 -0.56
C LEU A 128 -0.59 1.87 0.70
N LYS A 129 -1.87 1.51 0.73
CA LYS A 129 -2.76 1.75 1.85
C LYS A 129 -3.99 0.90 1.63
N PRO A 130 -4.79 0.69 2.68
CA PRO A 130 -5.95 -0.21 2.54
C PRO A 130 -6.90 0.17 1.42
N GLN A 131 -7.11 1.48 1.18
CA GLN A 131 -8.01 1.87 0.11
C GLN A 131 -7.45 1.55 -1.27
N ASN A 132 -6.15 1.28 -1.38
CA ASN A 132 -5.51 0.89 -2.64
C ASN A 132 -5.41 -0.62 -2.79
N LEU A 133 -6.13 -1.39 -1.98
CA LEU A 133 -6.12 -2.86 -2.04
C LEU A 133 -7.57 -3.29 -2.25
N LEU A 134 -7.89 -3.89 -3.40
CA LEU A 134 -9.25 -4.23 -3.76
C LEU A 134 -9.46 -5.74 -3.74
N ILE A 135 -10.68 -6.17 -3.33
CA ILE A 135 -10.97 -7.58 -3.12
C ILE A 135 -12.24 -7.99 -3.88
N ASN A 136 -12.32 -9.27 -4.25
CA ASN A 136 -13.54 -9.82 -4.89
C ASN A 136 -14.09 -11.01 -4.09
N THR A 137 -15.19 -11.59 -4.59
CA THR A 137 -15.84 -12.67 -3.86
C THR A 137 -15.06 -13.97 -3.93
N GLU A 138 -14.13 -14.09 -4.88
N GLU A 138 -14.13 -14.10 -4.88
CA GLU A 138 -13.39 -15.31 -5.10
CA GLU A 138 -13.40 -15.33 -5.09
C GLU A 138 -12.14 -15.43 -4.23
C GLU A 138 -12.14 -15.43 -4.23
N GLY A 139 -11.94 -14.50 -3.30
CA GLY A 139 -10.78 -14.54 -2.43
C GLY A 139 -9.54 -13.88 -2.98
N ALA A 140 -9.63 -13.20 -4.12
CA ALA A 140 -8.48 -12.47 -4.66
C ALA A 140 -8.36 -11.10 -4.00
N ILE A 141 -7.14 -10.57 -3.97
CA ILE A 141 -6.90 -9.19 -3.55
C ILE A 141 -5.89 -8.62 -4.53
N LYS A 142 -6.07 -7.35 -4.88
CA LYS A 142 -5.34 -6.73 -5.98
C LYS A 142 -4.82 -5.35 -5.59
N LEU A 143 -3.61 -5.05 -6.06
CA LEU A 143 -2.99 -3.74 -5.85
C LEU A 143 -3.53 -2.73 -6.85
N ALA A 144 -4.06 -1.61 -6.37
CA ALA A 144 -4.66 -0.57 -7.20
C ALA A 144 -3.76 0.66 -7.25
N ASP A 145 -3.82 1.39 -8.36
CA ASP A 145 -3.12 2.68 -8.55
C ASP A 145 -1.62 2.53 -8.56
N PHE A 146 -1.17 1.38 -9.03
CA PHE A 146 0.25 1.08 -9.09
C PHE A 146 0.92 1.98 -10.11
N GLY A 147 2.01 2.65 -9.68
CA GLY A 147 2.78 3.52 -10.56
C GLY A 147 2.24 4.92 -10.75
N LEU A 148 1.11 5.28 -10.11
CA LEU A 148 0.54 6.61 -10.33
C LEU A 148 1.39 7.71 -9.69
N ALA A 149 1.97 7.42 -8.52
CA ALA A 149 2.65 8.47 -7.77
C ALA A 149 3.92 8.94 -8.46
N ARG A 150 4.71 8.00 -9.00
CA ARG A 150 5.87 8.40 -9.78
C ARG A 150 5.48 9.30 -10.94
N ALA A 151 4.28 9.12 -11.48
CA ALA A 151 3.90 9.88 -12.66
C ALA A 151 3.25 11.23 -12.35
N PHE A 152 2.72 11.42 -11.14
CA PHE A 152 2.06 12.66 -10.78
C PHE A 152 2.67 13.37 -9.57
N GLY A 153 3.69 12.79 -8.93
CA GLY A 153 4.11 13.27 -7.62
C GLY A 153 3.04 12.97 -6.57
N VAL A 154 3.35 13.33 -5.33
CA VAL A 154 2.40 13.13 -4.23
C VAL A 154 2.17 14.45 -3.51
N PRO A 155 1.11 15.19 -3.85
CA PRO A 155 0.85 16.47 -3.19
C PRO A 155 0.55 16.31 -1.71
N VAL A 156 0.69 17.43 -0.99
CA VAL A 156 0.52 17.42 0.47
C VAL A 156 -0.96 17.37 0.85
N ARG A 157 -1.83 17.99 0.05
CA ARG A 157 -3.27 17.81 0.17
C ARG A 157 -3.81 17.11 -1.07
N THR A 158 -4.99 16.50 -0.91
CA THR A 158 -5.62 15.80 -2.02
C THR A 158 -6.48 16.74 -2.86
N TYR A 159 -6.96 16.20 -3.98
CA TYR A 159 -7.80 16.96 -4.91
C TYR A 159 -8.98 17.66 -4.23
N THR A 160 -9.84 16.92 -3.55
CA THR A 160 -10.85 17.54 -2.70
C THR A 160 -10.34 17.63 -1.27
N HIS A 161 -9.38 18.54 -1.09
CA HIS A 161 -9.14 19.16 0.21
C HIS A 161 -8.64 18.18 1.28
N GLU A 162 -8.90 16.88 1.07
CA GLU A 162 -8.65 15.87 2.09
C GLU A 162 -7.17 15.76 2.41
N VAL A 163 -6.89 15.22 3.59
CA VAL A 163 -5.54 15.08 4.11
C VAL A 163 -4.89 13.83 3.53
N VAL A 164 -3.62 13.95 3.14
CA VAL A 164 -2.85 12.80 2.67
C VAL A 164 -2.52 11.88 3.84
N THR A 165 -2.78 10.59 3.68
CA THR A 165 -2.50 9.65 4.75
C THR A 165 -1.01 9.33 4.82
N LEU A 166 -0.42 9.53 5.99
CA LEU A 166 0.99 9.22 6.20
C LEU A 166 1.23 7.88 6.85
N TRP A 167 0.15 7.17 7.20
CA TRP A 167 0.26 6.07 8.15
C TRP A 167 1.15 4.93 7.66
N TYR A 168 1.30 4.79 6.35
CA TYR A 168 2.00 3.67 5.74
C TYR A 168 3.32 4.10 5.11
N ARG A 169 3.77 5.32 5.38
CA ARG A 169 4.98 5.87 4.77
C ARG A 169 6.25 5.32 5.44
N ALA A 170 7.19 4.84 4.62
CA ALA A 170 8.46 4.28 5.11
C ALA A 170 9.33 5.39 5.74
N PRO A 171 10.15 5.03 6.73
CA PRO A 171 10.91 6.06 7.43
C PRO A 171 11.92 6.77 6.55
N GLU A 172 12.49 6.09 5.53
CA GLU A 172 13.46 6.78 4.68
C GLU A 172 12.78 7.89 3.88
N ILE A 173 11.49 7.76 3.58
CA ILE A 173 10.81 8.85 2.91
C ILE A 173 10.61 10.02 3.86
N LEU A 174 10.18 9.71 5.09
CA LEU A 174 9.97 10.74 6.10
C LEU A 174 11.27 11.48 6.42
N LEU A 175 12.38 10.78 6.37
CA LEU A 175 13.68 11.41 6.65
C LEU A 175 14.28 12.09 5.43
N GLY A 176 13.57 12.15 4.30
CA GLY A 176 13.99 12.97 3.18
C GLY A 176 14.89 12.30 2.17
N CYS A 177 15.02 10.97 2.21
CA CYS A 177 15.75 10.27 1.16
C CYS A 177 15.07 10.49 -0.18
N LYS A 178 15.84 11.00 -1.14
CA LYS A 178 15.29 11.36 -2.44
C LYS A 178 15.12 10.17 -3.36
N TYR A 179 15.87 9.09 -3.13
CA TYR A 179 15.99 7.99 -4.09
C TYR A 179 15.53 6.68 -3.49
N TYR A 180 14.37 6.70 -2.85
CA TYR A 180 13.90 5.51 -2.17
C TYR A 180 13.53 4.43 -3.19
N SER A 181 13.41 3.22 -2.68
CA SER A 181 13.52 1.98 -3.42
C SER A 181 12.23 1.16 -3.26
N THR A 182 12.25 -0.03 -3.84
CA THR A 182 11.16 -1.00 -3.65
C THR A 182 10.88 -1.30 -2.18
N ALA A 183 11.87 -1.11 -1.31
CA ALA A 183 11.66 -1.32 0.12
C ALA A 183 10.50 -0.50 0.68
N VAL A 184 10.17 0.64 0.07
CA VAL A 184 9.11 1.45 0.66
C VAL A 184 7.78 0.71 0.58
N ASP A 185 7.59 -0.13 -0.44
CA ASP A 185 6.34 -0.88 -0.56
C ASP A 185 6.27 -2.01 0.44
N ILE A 186 7.43 -2.61 0.75
CA ILE A 186 7.43 -3.65 1.77
C ILE A 186 7.06 -3.08 3.12
N TRP A 187 7.58 -1.88 3.44
CA TRP A 187 7.24 -1.22 4.69
C TRP A 187 5.73 -1.01 4.78
N SER A 188 5.16 -0.41 3.73
CA SER A 188 3.73 -0.15 3.75
C SER A 188 2.94 -1.43 3.94
N LEU A 189 3.29 -2.49 3.21
CA LEU A 189 2.55 -3.74 3.38
C LEU A 189 2.71 -4.33 4.78
N GLY A 190 3.88 -4.15 5.39
CA GLY A 190 4.04 -4.56 6.78
C GLY A 190 3.09 -3.84 7.70
N CYS A 191 2.92 -2.54 7.51
CA CYS A 191 1.98 -1.77 8.32
C CYS A 191 0.57 -2.30 8.13
N ILE A 192 0.21 -2.63 6.89
CA ILE A 192 -1.14 -3.11 6.59
C ILE A 192 -1.33 -4.49 7.21
N PHE A 193 -0.33 -5.36 7.10
CA PHE A 193 -0.36 -6.68 7.74
C PHE A 193 -0.66 -6.55 9.23
N ALA A 194 0.11 -5.71 9.94
CA ALA A 194 -0.12 -5.50 11.36
C ALA A 194 -1.54 -5.00 11.67
N GLU A 195 -2.08 -4.11 10.82
CA GLU A 195 -3.40 -3.54 11.05
C GLU A 195 -4.49 -4.59 10.86
N MET A 196 -4.28 -5.50 9.92
CA MET A 196 -5.22 -6.57 9.66
C MET A 196 -5.27 -7.51 10.89
N VAL A 197 -4.12 -7.69 11.55
CA VAL A 197 -4.03 -8.59 12.71
C VAL A 197 -4.61 -7.94 13.96
N THR A 198 -4.26 -6.69 14.22
CA THR A 198 -4.66 -6.09 15.48
C THR A 198 -5.98 -5.36 15.41
N ARG A 199 -6.46 -5.05 14.20
CA ARG A 199 -7.64 -4.26 13.94
C ARG A 199 -7.47 -2.80 14.35
N ARG A 200 -6.24 -2.28 14.43
CA ARG A 200 -6.06 -0.85 14.49
C ARG A 200 -4.75 -0.50 13.80
N ALA A 201 -4.69 0.71 13.26
CA ALA A 201 -3.52 1.11 12.50
C ALA A 201 -2.28 1.06 13.38
N LEU A 202 -1.16 0.67 12.78
CA LEU A 202 0.06 0.49 13.56
C LEU A 202 0.67 1.84 13.94
N PHE A 203 0.75 2.76 12.98
CA PHE A 203 1.41 4.08 13.15
C PHE A 203 0.50 5.17 12.60
N PRO A 204 -0.54 5.55 13.34
CA PRO A 204 -1.52 6.52 12.80
C PRO A 204 -1.09 7.96 13.03
N GLY A 205 -0.05 8.39 12.32
CA GLY A 205 0.44 9.73 12.53
C GLY A 205 -0.48 10.78 11.95
N ASP A 206 -0.50 11.95 12.57
CA ASP A 206 -1.31 13.04 12.02
C ASP A 206 -0.48 14.24 11.58
N SER A 207 0.84 14.05 11.45
CA SER A 207 1.77 15.01 10.86
C SER A 207 3.00 14.22 10.51
N GLU A 208 3.90 14.81 9.71
CA GLU A 208 5.08 14.04 9.33
C GLU A 208 5.95 13.72 10.53
N ILE A 209 6.08 14.67 11.46
CA ILE A 209 6.92 14.41 12.63
C ILE A 209 6.21 13.46 13.59
N ASP A 210 4.89 13.57 13.72
CA ASP A 210 4.17 12.61 14.55
C ASP A 210 4.27 11.20 13.97
N GLN A 211 4.15 11.09 12.64
CA GLN A 211 4.34 9.80 11.98
C GLN A 211 5.72 9.23 12.31
N LEU A 212 6.77 10.02 12.12
CA LEU A 212 8.13 9.58 12.42
C LEU A 212 8.29 9.14 13.87
N PHE A 213 7.84 9.99 14.80
CA PHE A 213 8.01 9.69 16.22
C PHE A 213 7.15 8.51 16.68
N ARG A 214 5.96 8.32 16.09
CA ARG A 214 5.23 7.10 16.37
C ARG A 214 6.04 5.87 15.97
N ILE A 215 6.73 5.92 14.83
CA ILE A 215 7.58 4.79 14.43
C ILE A 215 8.69 4.60 15.44
N PHE A 216 9.35 5.71 15.82
CA PHE A 216 10.47 5.64 16.75
C PHE A 216 10.06 5.10 18.11
N ARG A 217 8.88 5.49 18.62
CA ARG A 217 8.45 5.02 19.95
C ARG A 217 8.12 3.54 19.99
N THR A 218 7.82 2.92 18.85
CA THR A 218 7.60 1.49 18.78
C THR A 218 8.85 0.70 18.45
N LEU A 219 9.57 1.11 17.41
CA LEU A 219 10.69 0.34 16.92
C LEU A 219 12.03 0.83 17.48
N GLY A 220 12.04 1.88 18.29
CA GLY A 220 13.22 2.55 18.81
C GLY A 220 13.74 3.60 17.84
N THR A 221 14.31 4.67 18.39
CA THR A 221 14.94 5.67 17.53
C THR A 221 16.11 5.04 16.80
N PRO A 222 16.17 5.12 15.47
CA PRO A 222 17.27 4.46 14.76
C PRO A 222 18.58 5.18 14.96
N ASP A 223 19.65 4.41 14.87
CA ASP A 223 21.00 4.93 15.05
C ASP A 223 21.88 4.26 14.02
N GLU A 224 23.18 4.57 14.09
CA GLU A 224 24.10 4.04 13.09
C GLU A 224 24.32 2.55 13.23
N VAL A 225 24.06 1.98 14.41
CA VAL A 225 24.21 0.53 14.58
C VAL A 225 23.18 -0.20 13.74
N VAL A 226 21.91 0.22 13.83
CA VAL A 226 20.86 -0.51 13.13
C VAL A 226 20.60 0.03 11.73
N TRP A 227 20.96 1.28 11.46
CA TRP A 227 20.74 1.90 10.16
C TRP A 227 21.94 2.74 9.76
N PRO A 228 22.98 2.11 9.21
CA PRO A 228 24.16 2.87 8.75
C PRO A 228 23.74 3.95 7.77
N GLY A 229 24.20 5.17 8.02
CA GLY A 229 23.84 6.30 7.21
C GLY A 229 22.67 7.13 7.72
N VAL A 230 21.91 6.65 8.70
CA VAL A 230 20.69 7.35 9.09
C VAL A 230 20.99 8.76 9.60
N THR A 231 22.07 8.93 10.37
CA THR A 231 22.27 10.26 10.95
C THR A 231 22.71 11.29 9.92
N SER A 232 22.94 10.88 8.68
N SER A 232 22.89 10.88 8.67
CA SER A 232 23.35 11.79 7.63
CA SER A 232 23.23 11.80 7.59
C SER A 232 22.22 12.10 6.64
C SER A 232 22.07 12.04 6.64
N MET A 233 21.05 11.50 6.83
N MET A 233 20.89 11.52 6.96
CA MET A 233 19.96 11.71 5.90
CA MET A 233 19.77 11.71 6.07
C MET A 233 19.41 13.13 6.05
C MET A 233 19.35 13.17 6.08
N PRO A 234 18.79 13.67 4.98
CA PRO A 234 18.52 15.11 4.91
C PRO A 234 17.76 15.70 6.08
N ASP A 235 16.69 15.06 6.53
CA ASP A 235 15.85 15.61 7.58
C ASP A 235 16.14 15.01 8.95
N TYR A 236 17.22 14.24 9.09
CA TYR A 236 17.60 13.74 10.41
C TYR A 236 18.06 14.90 11.27
N LYS A 237 17.63 14.91 12.53
CA LYS A 237 18.06 15.91 13.49
C LYS A 237 18.67 15.20 14.70
N PRO A 238 19.88 15.59 15.13
CA PRO A 238 20.45 15.05 16.36
C PRO A 238 19.56 15.21 17.59
N SER A 239 18.62 16.17 17.54
CA SER A 239 17.77 16.42 18.67
C SER A 239 16.56 15.47 18.74
N PHE A 240 16.42 14.51 17.81
CA PHE A 240 15.35 13.50 17.90
C PHE A 240 15.43 12.80 19.25
N PRO A 241 14.33 12.67 19.98
CA PRO A 241 14.38 11.91 21.23
C PRO A 241 14.78 10.48 20.95
N LYS A 242 15.42 9.87 21.93
CA LYS A 242 15.93 8.51 21.78
C LYS A 242 15.04 7.58 22.62
N TRP A 243 14.12 6.89 21.95
CA TRP A 243 13.21 5.93 22.55
C TRP A 243 13.78 4.53 22.36
N ALA A 244 13.54 3.67 23.35
CA ALA A 244 13.94 2.28 23.25
C ALA A 244 12.95 1.47 22.42
N ARG A 245 13.45 0.40 21.81
CA ARG A 245 12.60 -0.44 20.99
C ARG A 245 11.69 -1.31 21.86
N GLN A 246 10.46 -1.55 21.38
CA GLN A 246 9.49 -2.43 22.03
C GLN A 246 9.54 -3.85 21.44
N ASP A 247 8.98 -4.83 22.17
CA ASP A 247 8.86 -6.20 21.67
C ASP A 247 7.69 -6.33 20.70
N PHE A 248 7.90 -7.04 19.59
CA PHE A 248 6.79 -7.30 18.67
C PHE A 248 5.67 -8.10 19.32
N SER A 249 6.00 -8.92 20.33
CA SER A 249 4.92 -9.59 21.03
C SER A 249 4.00 -8.57 21.69
N LYS A 250 4.49 -7.36 21.98
CA LYS A 250 3.64 -6.29 22.47
C LYS A 250 2.96 -5.53 21.33
N VAL A 251 3.59 -5.49 20.15
CA VAL A 251 3.11 -4.65 19.05
C VAL A 251 1.96 -5.31 18.30
N VAL A 252 2.08 -6.59 17.95
CA VAL A 252 0.96 -7.24 17.25
C VAL A 252 0.49 -8.49 18.00
N PRO A 253 0.13 -8.35 19.29
CA PRO A 253 0.19 -9.45 20.25
C PRO A 253 -0.27 -10.79 19.71
N PRO A 254 -1.52 -10.91 19.25
CA PRO A 254 -2.03 -12.26 19.01
C PRO A 254 -1.13 -13.10 18.09
N LEU A 255 -0.37 -12.45 17.20
CA LEU A 255 0.30 -13.14 16.10
C LEU A 255 1.39 -14.08 16.57
N ASP A 256 1.49 -15.23 15.90
CA ASP A 256 2.47 -16.26 16.25
C ASP A 256 3.87 -15.85 15.83
N GLU A 257 4.86 -16.65 16.24
CA GLU A 257 6.27 -16.28 16.02
C GLU A 257 6.66 -16.26 14.55
N ASP A 258 6.06 -17.12 13.71
CA ASP A 258 6.31 -17.01 12.27
C ASP A 258 5.86 -15.65 11.76
N GLY A 259 4.64 -15.26 12.11
CA GLY A 259 4.13 -13.96 11.67
C GLY A 259 4.94 -12.81 12.20
N ARG A 260 5.31 -12.85 13.49
CA ARG A 260 6.09 -11.75 14.04
C ARG A 260 7.48 -11.68 13.41
N SER A 261 8.07 -12.84 13.10
CA SER A 261 9.37 -12.87 12.44
C SER A 261 9.29 -12.18 11.08
N LEU A 262 8.30 -12.56 10.27
CA LEU A 262 8.12 -11.93 8.98
C LEU A 262 7.89 -10.43 9.11
N LEU A 263 7.02 -10.03 10.04
CA LEU A 263 6.73 -8.59 10.16
C LEU A 263 7.99 -7.82 10.55
N SER A 264 8.79 -8.39 11.42
CA SER A 264 10.01 -7.71 11.85
C SER A 264 10.94 -7.50 10.66
N GLN A 265 10.96 -8.43 9.71
CA GLN A 265 11.83 -8.27 8.55
C GLN A 265 11.26 -7.27 7.56
N MET A 266 9.93 -7.13 7.50
CA MET A 266 9.38 -6.07 6.68
C MET A 266 9.38 -4.68 7.29
N LEU A 267 9.63 -4.57 8.59
CA LEU A 267 9.76 -3.27 9.24
C LEU A 267 11.20 -2.94 9.64
N HIS A 268 12.19 -3.67 9.10
N HIS A 268 12.18 -3.64 9.06
CA HIS A 268 13.59 -3.28 9.29
CA HIS A 268 13.57 -3.30 9.28
C HIS A 268 13.78 -1.83 8.90
C HIS A 268 13.87 -1.87 8.85
N TYR A 269 14.56 -1.10 9.71
CA TYR A 269 14.79 0.32 9.41
C TYR A 269 15.58 0.49 8.12
N ASP A 270 16.68 -0.23 7.99
CA ASP A 270 17.62 -0.04 6.89
C ASP A 270 17.00 -0.59 5.62
N PRO A 271 16.68 0.23 4.62
CA PRO A 271 15.97 -0.31 3.44
C PRO A 271 16.78 -1.33 2.69
N ASN A 272 18.10 -1.29 2.81
CA ASN A 272 18.93 -2.29 2.15
C ASN A 272 18.76 -3.68 2.78
N LYS A 273 18.44 -3.76 4.08
CA LYS A 273 18.27 -5.01 4.81
C LYS A 273 16.80 -5.46 4.92
N ARG A 274 15.85 -4.54 4.70
CA ARG A 274 14.43 -4.90 4.69
C ARG A 274 14.18 -6.01 3.67
N ILE A 275 13.26 -6.94 4.01
CA ILE A 275 13.10 -8.15 3.21
C ILE A 275 12.49 -7.78 1.86
N SER A 276 12.90 -8.48 0.82
CA SER A 276 12.29 -8.26 -0.49
C SER A 276 10.97 -9.01 -0.56
N ALA A 277 10.13 -8.62 -1.51
CA ALA A 277 8.88 -9.37 -1.71
C ALA A 277 9.16 -10.82 -2.07
N LYS A 278 10.12 -11.06 -2.96
CA LYS A 278 10.42 -12.41 -3.38
C LYS A 278 10.89 -13.27 -2.21
N ALA A 279 11.75 -12.71 -1.34
CA ALA A 279 12.23 -13.46 -0.18
C ALA A 279 11.12 -13.67 0.85
N ALA A 280 10.24 -12.68 1.00
CA ALA A 280 9.11 -12.80 1.92
C ALA A 280 8.20 -13.98 1.54
N LEU A 281 8.01 -14.21 0.23
CA LEU A 281 7.18 -15.32 -0.22
C LEU A 281 7.72 -16.67 0.26
N ALA A 282 9.02 -16.76 0.53
CA ALA A 282 9.63 -18.00 1.00
C ALA A 282 9.67 -18.13 2.52
N HIS A 283 9.17 -17.14 3.26
CA HIS A 283 9.23 -17.20 4.72
C HIS A 283 8.37 -18.35 5.25
N PRO A 284 8.80 -19.02 6.34
CA PRO A 284 8.00 -20.13 6.88
C PRO A 284 6.56 -19.76 7.27
N PHE A 285 6.25 -18.48 7.47
CA PHE A 285 4.87 -18.06 7.74
C PHE A 285 3.91 -18.59 6.70
N PHE A 286 4.35 -18.74 5.45
CA PHE A 286 3.47 -19.13 4.36
C PHE A 286 3.48 -20.63 4.09
N GLN A 287 4.06 -21.44 4.98
CA GLN A 287 4.13 -22.86 4.71
C GLN A 287 2.75 -23.48 4.63
N ASP A 288 1.78 -22.97 5.39
CA ASP A 288 0.44 -23.53 5.34
C ASP A 288 -0.55 -22.58 4.65
N VAL A 289 -0.07 -21.71 3.76
CA VAL A 289 -0.99 -20.76 3.12
C VAL A 289 -2.04 -21.48 2.29
N THR A 290 -3.27 -20.93 2.29
CA THR A 290 -4.41 -21.42 1.53
C THR A 290 -5.08 -20.21 0.89
N LYS A 291 -6.20 -20.43 0.19
CA LYS A 291 -6.97 -19.34 -0.41
C LYS A 291 -8.43 -19.43 0.03
N PRO A 292 -8.75 -18.94 1.23
CA PRO A 292 -10.15 -18.93 1.66
C PRO A 292 -10.95 -17.88 0.91
N VAL A 293 -12.26 -18.00 0.95
CA VAL A 293 -13.04 -16.90 0.37
C VAL A 293 -13.58 -16.04 1.50
N PRO A 294 -13.61 -14.73 1.37
CA PRO A 294 -14.27 -13.90 2.36
C PRO A 294 -15.77 -14.00 2.19
N HIS A 295 -16.49 -13.65 3.24
CA HIS A 295 -17.93 -13.47 3.11
C HIS A 295 -18.16 -11.97 2.93
N LEU A 296 -18.48 -11.60 1.71
CA LEU A 296 -18.70 -10.22 1.28
C LEU A 296 -20.20 -9.99 1.17
N ARG A 297 -20.68 -8.90 1.75
CA ARG A 297 -22.08 -8.48 1.63
C ARG A 297 -22.06 -7.23 0.76
N LEU A 298 -22.41 -7.40 -0.52
CA LEU A 298 -22.36 -6.32 -1.49
C LEU A 298 -23.68 -5.60 -1.66
C1 EDO B . -15.87 -13.04 -10.45
O1 EDO B . -15.40 -12.42 -11.66
C2 EDO B . -15.36 -12.25 -9.26
O2 EDO B . -16.40 -11.37 -8.79
PG ATP C . -5.32 7.67 -3.63
O1G ATP C . -4.08 8.08 -2.93
O2G ATP C . -5.14 6.35 -4.44
O3G ATP C . -5.93 8.75 -4.53
PB ATP C . -7.76 6.45 -2.46
O1B ATP C . -7.46 5.07 -2.85
O2B ATP C . -8.40 6.66 -1.07
O3B ATP C . -6.47 7.34 -2.58
PA ATP C . -9.12 6.86 -5.02
O1A ATP C . -9.42 8.10 -5.76
O2A ATP C . -7.98 6.13 -5.68
O3A ATP C . -8.70 7.14 -3.53
O5' ATP C . -10.34 5.89 -4.83
C5' ATP C . -11.63 6.39 -4.42
C4' ATP C . -12.41 5.20 -3.95
O4' ATP C . -12.72 4.35 -5.09
C3' ATP C . -11.67 4.31 -2.95
O3' ATP C . -12.52 3.76 -1.95
C2' ATP C . -11.12 3.19 -3.82
O2' ATP C . -10.89 2.00 -3.09
C1' ATP C . -12.23 3.05 -4.87
N9 ATP C . -11.71 2.50 -6.11
C8 ATP C . -10.57 2.88 -6.75
N7 ATP C . -10.27 2.16 -7.80
C5 ATP C . -11.29 1.21 -7.84
C6 ATP C . -11.57 0.15 -8.73
N6 ATP C . -10.78 -0.17 -9.76
N1 ATP C . -12.66 -0.61 -8.49
C2 ATP C . -13.43 -0.31 -7.44
N3 ATP C . -13.27 0.67 -6.54
C4 ATP C . -12.18 1.40 -6.80
MG MG D . -6.51 4.77 -4.76
#